data_1ZOT
#
_entry.id   1ZOT
#
_cell.length_a   79.674
_cell.length_b   79.674
_cell.length_c   139.339
_cell.angle_alpha   90.00
_cell.angle_beta   90.00
_cell.angle_gamma   90.00
#
_symmetry.space_group_name_H-M   'P 41 21 2'
#
loop_
_entity.id
_entity.type
_entity.pdbx_description
1 polymer 'CyaA with C-terminal Calmodulin'
2 polymer Calmodulin
3 non-polymer 'MAGNESIUM ION'
4 non-polymer (ADENIN-9-YL-ETHOXYMETHYL)-HYDROXYPHOSPHINYL-DIPHOSPHATE
5 non-polymer 'CALCIUM ION'
6 water water
#
loop_
_entity_poly.entity_id
_entity_poly.type
_entity_poly.pdbx_seq_one_letter_code
_entity_poly.pdbx_strand_id
1 'polypeptide(L)'
;AGYANAADRESGIPAAVLDGIKAVAKEKNATLMFRLVNPHSTSLIAEGVATKGLGVHAKSSDWGLQAGYIPVNPNLSKLF
GRAPEVIARADNDVNSSLAHGHTAVDLTLSKERLDYLRQAGLVTGMADGVVASNHAGYEQFEFRVKETSDGRYAVQYRRK
GGDDFEAVKVIGNAAGIPLTADIDMFAIMPHLSNFRDSARSSVTSGDSVTDYLARTRRAASEATGGLDRERIDLLWKIAR
AGARSAVGTEARRQFRYDGDMNIGVITDFELEVRNALNRRAHAVGAQDVVQHGTEQNNPFPEADEKIFVVSATGESQMLT
RGQLKEYIGQQRGEGYVFYENRAYGVAGKSLFDDGLGA
;
A
2 'polypeptide(L)' TDSEEEIREAFRVFDKDGNGYISAAELRHVMTNLGEKLTDEEVDEMIREADIDGDGQVNYEEFVQMMTA B
#
# COMPACT_ATOMS: atom_id res chain seq x y z
N ALA A 1 -14.63 13.01 11.58
CA ALA A 1 -15.62 12.32 12.45
C ALA A 1 -14.88 11.26 13.25
N GLY A 2 -13.87 10.65 12.63
CA GLY A 2 -13.06 9.65 13.33
C GLY A 2 -13.51 8.32 12.67
N TYR A 3 -13.91 7.35 13.48
CA TYR A 3 -14.35 6.01 13.06
C TYR A 3 -15.82 6.14 12.83
N ALA A 4 -16.28 5.59 11.74
CA ALA A 4 -17.67 5.72 11.45
C ALA A 4 -18.38 4.40 11.57
N ASN A 5 -17.60 3.33 11.73
CA ASN A 5 -18.20 2.01 11.84
C ASN A 5 -17.27 1.01 12.49
N ALA A 6 -17.59 -0.27 12.38
CA ALA A 6 -16.75 -1.34 12.94
C ALA A 6 -15.44 -1.51 12.14
N ALA A 7 -15.56 -1.53 10.82
CA ALA A 7 -14.42 -1.68 9.91
C ALA A 7 -13.28 -0.78 10.34
N ASP A 8 -13.55 0.51 10.42
CA ASP A 8 -12.54 1.48 10.81
C ASP A 8 -11.93 1.09 12.13
N ARG A 9 -12.77 0.69 13.09
CA ARG A 9 -12.30 0.31 14.44
C ARG A 9 -11.48 -0.98 14.44
N GLU A 10 -11.78 -1.89 13.53
CA GLU A 10 -11.02 -3.14 13.46
C GLU A 10 -9.78 -2.98 12.56
N SER A 11 -9.66 -1.85 11.87
CA SER A 11 -8.54 -1.62 10.97
C SER A 11 -7.22 -1.48 11.71
N GLY A 12 -7.27 -0.99 12.94
CA GLY A 12 -6.04 -0.80 13.67
C GLY A 12 -5.39 0.54 13.35
N ILE A 13 -5.96 1.28 12.40
CA ILE A 13 -5.44 2.61 12.00
C ILE A 13 -5.95 3.66 13.01
N PRO A 14 -5.06 4.50 13.56
CA PRO A 14 -5.45 5.54 14.53
C PRO A 14 -6.50 6.36 13.86
N ALA A 15 -7.50 6.87 14.59
CA ALA A 15 -8.59 7.64 13.99
C ALA A 15 -8.19 8.90 13.23
N ALA A 16 -7.34 9.73 13.83
CA ALA A 16 -6.88 10.97 13.20
C ALA A 16 -6.23 10.66 11.86
N VAL A 17 -5.33 9.67 11.85
CA VAL A 17 -4.67 9.24 10.65
C VAL A 17 -5.72 8.74 9.62
N LEU A 18 -6.68 7.97 10.09
CA LEU A 18 -7.70 7.43 9.21
C LEU A 18 -8.52 8.53 8.59
N ASP A 19 -8.72 9.62 9.33
CA ASP A 19 -9.46 10.77 8.82
C ASP A 19 -8.75 11.30 7.56
N GLY A 20 -7.44 11.35 7.61
CA GLY A 20 -6.67 11.83 6.46
C GLY A 20 -6.76 10.88 5.28
N ILE A 21 -6.75 9.59 5.57
CA ILE A 21 -6.84 8.54 4.57
C ILE A 21 -8.11 8.70 3.78
N LYS A 22 -9.25 8.83 4.47
CA LYS A 22 -10.56 9.04 3.84
C LYS A 22 -10.57 10.34 3.03
N ALA A 23 -9.92 11.39 3.53
CA ALA A 23 -9.86 12.66 2.81
C ALA A 23 -8.98 12.57 1.55
N VAL A 24 -7.86 11.87 1.67
CA VAL A 24 -6.98 11.71 0.53
C VAL A 24 -7.67 10.90 -0.54
N ALA A 25 -8.27 9.78 -0.14
CA ALA A 25 -8.97 8.92 -1.07
C ALA A 25 -10.00 9.68 -1.86
N LYS A 26 -10.57 10.71 -1.26
CA LYS A 26 -11.56 11.50 -1.97
C LYS A 26 -10.91 12.57 -2.86
N GLU A 27 -9.84 13.19 -2.35
CA GLU A 27 -9.13 14.24 -3.06
C GLU A 27 -8.51 13.74 -4.38
N LYS A 28 -7.95 12.53 -4.34
CA LYS A 28 -7.31 11.93 -5.49
C LYS A 28 -8.20 10.96 -6.24
N ASN A 29 -9.47 10.90 -5.85
CA ASN A 29 -10.46 10.00 -6.43
C ASN A 29 -9.89 8.63 -6.66
N ALA A 30 -9.56 7.96 -5.56
CA ALA A 30 -8.99 6.63 -5.62
C ALA A 30 -9.36 5.74 -4.44
N THR A 31 -9.67 4.48 -4.74
CA THR A 31 -9.97 3.53 -3.68
C THR A 31 -8.64 3.07 -3.12
N LEU A 32 -8.53 3.06 -1.79
CA LEU A 32 -7.32 2.67 -1.06
C LEU A 32 -7.61 1.44 -0.18
N MET A 33 -6.82 0.38 -0.33
CA MET A 33 -7.03 -0.83 0.44
C MET A 33 -5.79 -1.10 1.24
N PHE A 34 -6.01 -1.50 2.49
CA PHE A 34 -4.95 -1.73 3.44
C PHE A 34 -5.04 -3.08 4.13
N ARG A 35 -3.90 -3.56 4.58
CA ARG A 35 -3.86 -4.81 5.32
C ARG A 35 -4.06 -4.34 6.75
N LEU A 36 -4.59 -5.20 7.61
CA LEU A 36 -4.83 -4.83 8.99
C LEU A 36 -3.60 -4.36 9.72
N VAL A 37 -3.75 -3.36 10.59
CA VAL A 37 -2.63 -2.88 11.42
C VAL A 37 -2.78 -3.63 12.79
N ASN A 38 -1.70 -4.18 13.30
CA ASN A 38 -1.78 -4.87 14.57
C ASN A 38 -2.18 -3.81 15.63
N PRO A 39 -3.25 -4.08 16.40
CA PRO A 39 -3.74 -3.17 17.43
C PRO A 39 -2.67 -2.68 18.41
N HIS A 40 -1.68 -3.51 18.75
CA HIS A 40 -0.60 -2.99 19.62
C HIS A 40 0.15 -1.85 18.91
N SER A 41 0.01 -1.71 17.60
CA SER A 41 0.74 -0.63 16.95
C SER A 41 -0.06 0.65 16.89
N THR A 42 -1.37 0.51 16.88
CA THR A 42 -2.26 1.66 16.79
C THR A 42 -1.96 2.83 17.71
N SER A 43 -1.58 2.59 18.97
CA SER A 43 -1.36 3.71 19.86
C SER A 43 -0.01 4.36 19.74
N LEU A 44 1.00 3.56 19.40
CA LEU A 44 2.36 4.07 19.22
C LEU A 44 2.32 5.03 18.05
N ILE A 45 1.68 4.57 16.99
CA ILE A 45 1.53 5.36 15.76
C ILE A 45 0.88 6.72 15.98
N ALA A 46 -0.06 6.78 16.90
CA ALA A 46 -0.75 8.04 17.13
C ALA A 46 -0.01 9.04 17.98
N GLU A 47 0.79 8.58 18.94
CA GLU A 47 1.54 9.50 19.80
C GLU A 47 2.80 9.86 19.06
N GLY A 48 2.83 9.50 17.78
CA GLY A 48 3.98 9.82 16.93
C GLY A 48 5.19 8.89 16.87
N VAL A 49 5.05 7.62 17.17
CA VAL A 49 6.21 6.75 17.08
C VAL A 49 6.52 6.64 15.57
N ALA A 50 7.77 6.31 15.25
CA ALA A 50 8.09 6.17 13.85
C ALA A 50 7.72 4.80 13.35
N THR A 51 7.48 4.78 12.06
CA THR A 51 7.10 3.61 11.30
C THR A 51 8.30 3.02 10.51
N LYS A 52 8.40 1.69 10.44
CA LYS A 52 9.51 0.98 9.77
C LYS A 52 9.39 0.69 8.27
N GLY A 53 10.52 0.84 7.59
CA GLY A 53 10.60 0.61 6.16
C GLY A 53 11.03 -0.81 5.85
N LEU A 54 11.29 -1.11 4.58
CA LEU A 54 11.72 -2.48 4.17
C LEU A 54 13.16 -2.77 4.55
N GLY A 55 13.86 -1.74 5.01
CA GLY A 55 15.24 -1.90 5.40
C GLY A 55 15.32 -2.47 6.81
N VAL A 56 14.20 -3.00 7.31
CA VAL A 56 14.13 -3.56 8.66
C VAL A 56 13.47 -4.92 8.65
N HIS A 57 14.24 -5.97 8.87
CA HIS A 57 13.63 -7.30 8.88
C HIS A 57 13.52 -7.96 10.25
N ALA A 58 13.96 -7.26 11.28
CA ALA A 58 13.92 -7.78 12.65
C ALA A 58 12.45 -8.00 12.97
N LYS A 59 12.11 -8.90 13.90
CA LYS A 59 10.69 -9.13 14.20
C LYS A 59 10.17 -8.37 15.41
N SER A 60 8.91 -7.92 15.35
CA SER A 60 8.33 -7.17 16.47
C SER A 60 8.11 -8.09 17.64
N SER A 61 7.66 -7.49 18.74
CA SER A 61 7.35 -8.22 19.94
C SER A 61 5.85 -8.12 20.14
N ASP A 62 5.22 -9.19 20.66
CA ASP A 62 3.78 -9.14 20.93
C ASP A 62 3.45 -9.27 22.41
N TRP A 63 4.47 -9.22 23.25
CA TRP A 63 4.24 -9.39 24.69
C TRP A 63 5.08 -8.44 25.54
N GLY A 64 4.93 -8.52 26.87
CA GLY A 64 5.67 -7.67 27.77
C GLY A 64 5.45 -6.18 27.52
N LEU A 65 6.20 -5.34 28.24
CA LEU A 65 6.11 -3.89 28.09
C LEU A 65 6.67 -3.43 26.72
N GLN A 66 7.32 -4.34 26.00
CA GLN A 66 7.90 -3.99 24.74
C GLN A 66 7.00 -4.28 23.52
N ALA A 67 5.74 -4.71 23.74
CA ALA A 67 4.82 -5.03 22.64
C ALA A 67 4.58 -3.82 21.73
N GLY A 68 4.69 -4.05 20.42
CA GLY A 68 4.53 -2.97 19.46
C GLY A 68 5.87 -2.46 18.96
N TYR A 69 6.94 -2.74 19.71
CA TYR A 69 8.28 -2.31 19.30
C TYR A 69 9.10 -3.46 18.69
N ILE A 70 10.26 -3.13 18.15
CA ILE A 70 11.11 -4.14 17.53
C ILE A 70 12.39 -4.25 18.37
N PRO A 71 12.47 -5.31 19.18
CA PRO A 71 13.56 -5.63 20.08
C PRO A 71 14.87 -6.09 19.42
N VAL A 72 15.98 -5.61 19.99
CA VAL A 72 17.32 -5.98 19.52
C VAL A 72 17.60 -7.41 19.99
N ASN A 73 17.01 -7.78 21.12
CA ASN A 73 17.16 -9.12 21.68
C ASN A 73 15.99 -9.95 21.16
N PRO A 74 16.23 -10.75 20.12
CA PRO A 74 15.12 -11.55 19.59
C PRO A 74 14.38 -12.43 20.61
N ASN A 75 14.96 -12.65 21.78
CA ASN A 75 14.27 -13.48 22.75
C ASN A 75 13.15 -12.68 23.40
N LEU A 76 13.20 -11.37 23.18
CA LEU A 76 12.21 -10.46 23.69
C LEU A 76 11.11 -10.23 22.64
N SER A 77 11.34 -10.72 21.43
CA SER A 77 10.36 -10.52 20.38
C SER A 77 9.42 -11.71 20.31
N LYS A 78 8.45 -11.65 19.42
CA LYS A 78 7.55 -12.75 19.24
C LYS A 78 8.24 -14.13 19.18
N LEU A 79 9.55 -14.14 18.94
CA LEU A 79 10.25 -15.42 18.81
C LEU A 79 10.77 -16.06 20.09
N PHE A 80 10.17 -15.71 21.22
CA PHE A 80 10.58 -16.24 22.51
C PHE A 80 11.13 -17.68 22.65
N GLY A 81 10.31 -18.69 22.80
CA GLY A 81 10.92 -19.99 23.00
C GLY A 81 11.24 -20.83 21.78
N ARG A 82 11.63 -20.17 20.70
CA ARG A 82 11.90 -20.88 19.45
C ARG A 82 13.11 -21.80 19.50
N ALA A 83 13.47 -22.33 18.35
CA ALA A 83 14.95 -22.79 18.26
C ALA A 83 16.19 -21.90 18.41
N PRO A 84 17.30 -22.45 18.93
CA PRO A 84 18.43 -21.52 19.02
C PRO A 84 18.82 -21.09 17.62
N GLU A 85 18.52 -21.94 16.63
CA GLU A 85 18.81 -21.66 15.22
C GLU A 85 17.87 -20.59 14.62
N VAL A 86 16.82 -20.22 15.36
CA VAL A 86 15.97 -19.15 14.86
C VAL A 86 16.37 -17.88 15.60
N ILE A 87 16.73 -17.95 16.87
CA ILE A 87 17.17 -16.70 17.48
C ILE A 87 18.38 -16.20 16.65
N ALA A 88 19.07 -17.12 15.98
CA ALA A 88 20.22 -16.75 15.16
C ALA A 88 19.70 -16.07 13.89
N ARG A 89 18.92 -16.80 13.08
CA ARG A 89 18.33 -16.18 11.87
C ARG A 89 17.83 -14.81 12.28
N ALA A 90 17.22 -14.72 13.46
CA ALA A 90 16.65 -13.48 13.97
C ALA A 90 17.71 -12.46 14.43
N ASP A 91 18.79 -12.96 15.01
CA ASP A 91 19.96 -12.17 15.47
C ASP A 91 20.61 -11.32 14.37
N ASN A 92 20.76 -11.98 13.23
CA ASN A 92 21.32 -11.38 12.03
C ASN A 92 20.37 -10.31 11.52
N ASP A 93 19.10 -10.66 11.27
CA ASP A 93 18.09 -9.66 10.86
C ASP A 93 18.34 -8.35 11.61
N VAL A 94 18.33 -8.42 12.93
CA VAL A 94 18.55 -7.23 13.74
C VAL A 94 19.85 -6.52 13.36
N ASN A 95 20.91 -7.31 13.25
CA ASN A 95 22.22 -6.75 12.93
C ASN A 95 22.29 -6.10 11.54
N SER A 96 21.54 -6.61 10.57
CA SER A 96 21.60 -6.01 9.25
C SER A 96 20.94 -4.65 9.30
N SER A 97 20.11 -4.44 10.31
CA SER A 97 19.40 -3.18 10.46
C SER A 97 20.16 -2.07 11.16
N LEU A 98 21.06 -2.41 12.08
CA LEU A 98 21.85 -1.44 12.82
C LEU A 98 23.07 -0.99 12.08
N ALA A 99 23.49 -1.79 11.10
CA ALA A 99 24.65 -1.43 10.31
C ALA A 99 24.21 -0.40 9.30
N HIS A 100 22.89 -0.28 9.09
CA HIS A 100 22.37 0.64 8.10
C HIS A 100 21.43 1.72 8.53
N GLY A 101 21.98 2.71 9.19
CA GLY A 101 21.18 3.85 9.63
C GLY A 101 20.34 3.54 10.85
N HIS A 102 19.80 2.32 10.94
CA HIS A 102 18.97 1.99 12.10
C HIS A 102 19.85 1.88 13.35
N THR A 103 19.32 2.47 14.41
CA THR A 103 19.96 2.58 15.70
C THR A 103 19.42 1.66 16.78
N ALA A 104 20.19 1.57 17.85
CA ALA A 104 19.86 0.78 19.05
C ALA A 104 19.38 1.86 20.01
N VAL A 105 18.25 1.63 20.68
CA VAL A 105 17.72 2.64 21.58
C VAL A 105 17.02 2.08 22.84
N ASP A 106 17.25 2.75 23.98
CA ASP A 106 16.69 2.38 25.27
C ASP A 106 15.17 2.54 25.30
N LEU A 107 14.45 1.43 25.41
CA LEU A 107 12.99 1.55 25.42
C LEU A 107 12.43 2.36 26.57
N THR A 108 11.60 3.34 26.26
CA THR A 108 10.93 4.14 27.27
C THR A 108 9.51 4.34 26.76
N LEU A 109 8.52 4.01 27.59
CA LEU A 109 7.11 4.12 27.20
C LEU A 109 6.51 5.42 27.71
N SER A 110 5.37 5.85 27.19
CA SER A 110 4.72 7.05 27.72
C SER A 110 3.72 6.57 28.81
N LYS A 111 3.13 7.47 29.60
CA LYS A 111 2.19 7.02 30.64
C LYS A 111 1.06 6.32 29.96
N GLU A 112 0.41 7.06 29.08
CA GLU A 112 -0.73 6.57 28.30
C GLU A 112 -0.51 5.14 27.77
N ARG A 113 0.67 4.90 27.22
CA ARG A 113 0.91 3.57 26.68
C ARG A 113 0.95 2.60 27.84
N LEU A 114 1.53 3.04 28.94
CA LEU A 114 1.59 2.16 30.10
C LEU A 114 0.14 1.75 30.44
N ASP A 115 -0.79 2.67 30.27
CA ASP A 115 -2.21 2.40 30.54
C ASP A 115 -2.72 1.35 29.58
N TYR A 116 -2.56 1.65 28.29
CA TYR A 116 -2.97 0.73 27.24
C TYR A 116 -2.46 -0.66 27.51
N LEU A 117 -1.20 -0.79 27.92
CA LEU A 117 -0.66 -2.10 28.13
C LEU A 117 -1.36 -2.83 29.26
N ARG A 118 -1.60 -2.10 30.34
CA ARG A 118 -2.24 -2.67 31.54
C ARG A 118 -3.69 -2.95 31.28
N GLN A 119 -4.35 -2.04 30.60
CA GLN A 119 -5.74 -2.26 30.28
C GLN A 119 -5.87 -3.36 29.21
N ALA A 120 -4.79 -3.72 28.53
CA ALA A 120 -4.87 -4.75 27.50
C ALA A 120 -4.63 -6.11 28.08
N GLY A 121 -4.15 -6.15 29.30
CA GLY A 121 -3.87 -7.42 29.92
C GLY A 121 -2.49 -7.93 29.58
N LEU A 122 -1.75 -7.17 28.77
CA LEU A 122 -0.42 -7.60 28.41
C LEU A 122 0.51 -7.50 29.66
N VAL A 123 0.34 -6.44 30.46
CA VAL A 123 1.13 -6.26 31.69
C VAL A 123 0.18 -6.28 32.96
N THR A 124 0.32 -7.33 33.79
CA THR A 124 -0.53 -7.54 34.99
C THR A 124 -0.01 -6.84 36.24
N GLY A 125 -0.37 -5.57 36.37
CA GLY A 125 0.06 -4.80 37.51
C GLY A 125 1.57 -4.82 37.75
N MET A 126 2.06 -4.11 38.77
CA MET A 126 3.51 -4.12 38.95
C MET A 126 3.82 -3.72 40.36
N ALA A 127 5.01 -3.78 40.73
CA ALA A 127 5.05 -3.39 42.08
C ALA A 127 4.75 -1.93 42.43
N ASP A 128 5.48 -1.02 42.06
CA ASP A 128 4.88 0.26 42.05
C ASP A 128 5.59 0.48 40.80
N GLY A 129 5.98 -0.18 40.16
CA GLY A 129 6.61 -0.19 38.85
C GLY A 129 7.49 -1.43 38.58
N VAL A 130 7.05 -2.59 39.02
CA VAL A 130 7.76 -3.87 38.77
C VAL A 130 6.69 -4.80 38.15
N VAL A 131 6.57 -4.74 36.83
CA VAL A 131 5.56 -5.52 36.09
C VAL A 131 5.53 -7.02 36.23
N ALA A 132 4.34 -7.56 35.95
CA ALA A 132 4.07 -8.99 35.97
C ALA A 132 3.29 -9.33 34.67
N SER A 133 3.29 -10.60 34.28
CA SER A 133 2.61 -11.06 33.07
C SER A 133 2.56 -12.60 33.09
N ASN A 134 1.60 -13.18 32.38
CA ASN A 134 1.48 -14.63 32.33
C ASN A 134 2.04 -15.20 31.02
N HIS A 135 2.81 -14.37 30.31
CA HIS A 135 3.46 -14.80 29.07
C HIS A 135 4.66 -15.68 29.41
N ALA A 136 4.71 -16.88 28.83
CA ALA A 136 5.82 -17.79 29.09
C ALA A 136 7.16 -17.00 29.12
N GLY A 137 7.16 -15.89 28.37
CA GLY A 137 8.33 -15.02 28.29
C GLY A 137 8.67 -14.43 29.64
N TYR A 138 7.76 -14.60 30.63
CA TYR A 138 7.98 -14.11 31.98
C TYR A 138 8.54 -15.20 32.89
N GLU A 139 8.50 -16.45 32.43
CA GLU A 139 9.05 -17.56 33.20
C GLU A 139 10.57 -17.67 32.95
N GLN A 140 11.11 -16.73 32.18
CA GLN A 140 12.55 -16.72 31.89
C GLN A 140 13.21 -15.34 32.06
N PHE A 141 12.41 -14.29 31.90
CA PHE A 141 12.91 -12.93 32.03
C PHE A 141 12.17 -12.23 33.16
N GLU A 142 12.83 -11.25 33.77
CA GLU A 142 12.27 -10.45 34.88
C GLU A 142 12.18 -9.02 34.39
N PHE A 143 11.06 -8.35 34.60
CA PHE A 143 10.92 -6.99 34.15
C PHE A 143 10.63 -6.01 35.28
N ARG A 144 10.88 -4.73 35.00
CA ARG A 144 10.62 -3.64 35.94
C ARG A 144 10.82 -2.38 35.17
N VAL A 145 10.29 -1.27 35.66
CA VAL A 145 10.44 0.00 35.01
C VAL A 145 10.70 1.10 36.03
N LYS A 146 11.40 2.14 35.60
CA LYS A 146 11.71 3.24 36.48
C LYS A 146 11.33 4.57 35.81
N GLU A 147 10.25 5.21 36.25
CA GLU A 147 9.83 6.49 35.67
C GLU A 147 10.96 7.49 35.66
N THR A 148 10.70 8.64 35.03
CA THR A 148 11.67 9.72 35.00
C THR A 148 10.86 10.97 35.15
N SER A 149 11.53 12.02 35.62
CA SER A 149 10.97 13.35 35.83
C SER A 149 10.66 13.93 34.45
N ASP A 150 10.42 13.01 33.53
CA ASP A 150 10.13 13.22 32.11
C ASP A 150 8.74 12.59 31.82
N GLY A 151 8.20 11.90 32.83
CA GLY A 151 6.89 11.28 32.69
C GLY A 151 6.93 9.94 31.95
N ARG A 152 8.03 9.62 31.32
CA ARG A 152 8.10 8.38 30.59
C ARG A 152 8.77 7.31 31.42
N TYR A 153 8.44 6.06 31.18
CA TYR A 153 9.07 4.99 31.95
C TYR A 153 10.14 4.24 31.19
N ALA A 154 11.27 4.05 31.82
CA ALA A 154 12.36 3.32 31.20
C ALA A 154 12.21 1.83 31.47
N VAL A 155 12.05 1.04 30.42
CA VAL A 155 11.91 -0.39 30.57
C VAL A 155 13.28 -1.00 30.84
N GLN A 156 13.33 -1.96 31.76
CA GLN A 156 14.60 -2.61 32.08
C GLN A 156 14.31 -4.07 32.32
N TYR A 157 15.35 -4.91 32.31
CA TYR A 157 15.12 -6.34 32.50
C TYR A 157 16.36 -7.16 32.83
N ARG A 158 16.17 -8.43 33.15
CA ARG A 158 17.32 -9.31 33.39
C ARG A 158 16.89 -10.74 33.13
N ARG A 159 17.88 -11.62 33.08
CA ARG A 159 17.68 -13.05 32.85
C ARG A 159 17.36 -13.75 34.19
N LYS A 160 16.48 -14.72 34.21
CA LYS A 160 16.13 -15.46 35.47
C LYS A 160 17.22 -15.78 36.52
N GLY A 161 17.11 -15.29 37.78
CA GLY A 161 18.09 -15.58 38.87
C GLY A 161 19.50 -15.55 38.31
N GLY A 162 19.72 -14.53 37.50
CA GLY A 162 20.97 -14.23 36.74
C GLY A 162 20.97 -12.70 36.55
N ASP A 163 21.64 -12.08 37.55
CA ASP A 163 21.84 -10.71 38.17
C ASP A 163 21.85 -9.22 37.68
N ASP A 164 22.65 -8.55 36.95
CA ASP A 164 22.13 -7.14 36.94
C ASP A 164 20.97 -6.84 35.93
N PHE A 165 20.07 -5.79 36.18
CA PHE A 165 19.10 -5.36 35.17
C PHE A 165 19.74 -4.40 34.15
N GLU A 166 19.06 -4.22 33.02
CA GLU A 166 19.54 -3.31 31.95
C GLU A 166 18.41 -2.92 30.98
N ALA A 167 18.40 -1.66 30.54
CA ALA A 167 17.40 -1.13 29.62
C ALA A 167 17.23 -2.01 28.39
N VAL A 168 15.98 -2.25 27.99
CA VAL A 168 15.75 -3.04 26.78
C VAL A 168 16.05 -2.10 25.63
N LYS A 169 16.72 -2.66 24.63
CA LYS A 169 17.10 -1.91 23.44
C LYS A 169 16.15 -2.24 22.28
N VAL A 170 15.71 -1.19 21.60
CA VAL A 170 14.77 -1.27 20.47
C VAL A 170 15.35 -0.50 19.23
N ILE A 171 15.11 -1.02 18.03
CA ILE A 171 15.61 -0.39 16.80
C ILE A 171 14.87 0.91 16.51
N GLY A 172 15.58 2.01 16.37
CA GLY A 172 14.92 3.27 16.04
C GLY A 172 15.29 3.84 14.65
N ASN A 173 14.75 5.03 14.34
CA ASN A 173 15.00 5.77 13.09
C ASN A 173 16.50 5.94 13.03
N ALA A 174 16.97 6.59 11.96
CA ALA A 174 18.37 6.91 11.81
C ALA A 174 18.45 7.98 12.89
N ALA A 175 17.33 8.65 13.11
CA ALA A 175 17.23 9.72 14.11
C ALA A 175 17.00 9.16 15.52
N GLY A 176 17.02 7.83 15.65
CA GLY A 176 16.83 7.22 16.96
C GLY A 176 15.40 7.20 17.50
N ILE A 177 14.43 7.58 16.66
CA ILE A 177 13.01 7.51 17.05
C ILE A 177 12.70 6.03 16.86
N PRO A 178 12.17 5.37 17.91
CA PRO A 178 11.85 3.93 17.85
C PRO A 178 10.85 3.61 16.80
N LEU A 179 10.88 2.37 16.34
CA LEU A 179 9.97 2.03 15.28
C LEU A 179 8.91 1.00 15.59
N THR A 180 7.69 1.26 15.13
CA THR A 180 6.60 0.31 15.27
C THR A 180 6.26 -0.13 13.84
N ALA A 181 5.28 -0.99 13.68
CA ALA A 181 4.88 -1.44 12.36
C ALA A 181 4.31 -0.28 11.54
N ASP A 182 4.40 -0.41 10.22
CA ASP A 182 3.90 0.65 9.36
C ASP A 182 2.58 0.16 8.79
N ILE A 183 1.88 1.03 8.07
CA ILE A 183 0.60 0.68 7.48
C ILE A 183 0.78 0.19 6.03
N ASP A 184 0.67 -1.12 5.83
CA ASP A 184 0.86 -1.76 4.53
C ASP A 184 -0.34 -1.58 3.65
N MET A 185 -0.16 -0.97 2.49
CA MET A 185 -1.28 -0.84 1.60
C MET A 185 -1.40 -2.12 0.81
N PHE A 186 -2.64 -2.56 0.58
CA PHE A 186 -2.91 -3.76 -0.20
C PHE A 186 -2.91 -3.41 -1.67
N ALA A 187 -3.44 -2.23 -1.98
CA ALA A 187 -3.52 -1.75 -3.35
C ALA A 187 -4.14 -0.38 -3.37
N ILE A 188 -4.07 0.23 -4.54
CA ILE A 188 -4.59 1.54 -4.80
C ILE A 188 -5.31 1.45 -6.16
N MET A 189 -6.59 1.77 -6.18
CA MET A 189 -7.35 1.71 -7.41
C MET A 189 -7.68 3.13 -7.82
N PRO A 190 -6.84 3.73 -8.66
CA PRO A 190 -7.04 5.11 -9.13
C PRO A 190 -8.12 5.21 -10.18
N HIS A 191 -8.96 6.24 -10.12
CA HIS A 191 -9.98 6.40 -11.15
C HIS A 191 -9.16 6.82 -12.39
N LEU A 192 -9.56 6.30 -13.54
CA LEU A 192 -8.87 6.55 -14.81
C LEU A 192 -8.71 8.02 -15.23
N SER A 193 -9.68 8.85 -14.86
CA SER A 193 -9.58 10.27 -15.18
C SER A 193 -8.32 10.90 -14.56
N ASN A 194 -7.72 10.26 -13.55
CA ASN A 194 -6.50 10.81 -12.95
C ASN A 194 -5.31 10.76 -13.92
N PHE A 195 -5.50 10.16 -15.09
CA PHE A 195 -4.39 10.05 -16.00
C PHE A 195 -4.52 10.75 -17.31
N ARG A 196 -5.35 11.78 -17.36
CA ARG A 196 -5.52 12.52 -18.59
C ARG A 196 -4.29 13.36 -18.88
N ASP A 197 -3.85 14.10 -17.87
CA ASP A 197 -2.70 14.96 -18.08
C ASP A 197 -1.49 14.13 -18.39
N SER A 198 -1.42 12.96 -17.75
CA SER A 198 -0.31 12.01 -17.94
C SER A 198 -0.26 11.50 -19.36
N ALA A 199 -1.42 11.23 -19.95
CA ALA A 199 -1.44 10.74 -21.32
C ALA A 199 -1.15 11.90 -22.29
N ARG A 200 -1.69 13.08 -22.01
CA ARG A 200 -1.43 14.25 -22.85
C ARG A 200 0.08 14.68 -22.87
N SER A 201 0.75 14.68 -21.73
CA SER A 201 2.16 15.08 -21.70
C SER A 201 3.01 14.07 -22.46
N SER A 202 2.47 12.89 -22.63
CA SER A 202 3.20 11.83 -23.31
C SER A 202 2.95 11.87 -24.82
N VAL A 203 1.70 12.04 -25.23
CA VAL A 203 1.37 11.98 -26.65
C VAL A 203 1.29 13.34 -27.39
N THR A 204 0.40 14.20 -26.96
CA THR A 204 0.22 15.49 -27.61
C THR A 204 1.34 16.37 -27.20
N SER A 205 1.07 17.18 -26.21
CA SER A 205 2.17 17.91 -25.56
C SER A 205 1.73 18.35 -24.21
N GLY A 206 0.89 17.54 -23.70
CA GLY A 206 -0.06 18.61 -22.73
C GLY A 206 -1.35 19.08 -23.34
N ASP A 207 -1.48 19.02 -24.67
CA ASP A 207 -2.71 19.47 -25.29
C ASP A 207 -3.77 18.41 -25.55
N SER A 208 -5.01 18.87 -25.58
CA SER A 208 -6.11 17.97 -25.90
C SER A 208 -5.79 17.54 -27.37
N VAL A 209 -6.46 16.50 -27.83
CA VAL A 209 -6.23 16.06 -29.19
C VAL A 209 -6.64 17.15 -30.19
N THR A 210 -7.80 17.74 -29.99
CA THR A 210 -8.34 18.78 -30.84
C THR A 210 -7.39 20.00 -30.91
N ASP A 211 -6.92 20.45 -29.76
CA ASP A 211 -6.00 21.57 -29.71
C ASP A 211 -4.65 21.23 -30.35
N TYR A 212 -4.16 20.03 -30.10
CA TYR A 212 -2.87 19.59 -30.62
C TYR A 212 -2.85 19.56 -32.14
N LEU A 213 -3.92 19.02 -32.73
CA LEU A 213 -4.04 18.91 -34.18
C LEU A 213 -4.15 20.27 -34.88
N ALA A 214 -5.02 21.12 -34.37
CA ALA A 214 -5.17 22.47 -34.92
C ALA A 214 -3.79 23.12 -34.99
N ARG A 215 -3.04 23.02 -33.89
CA ARG A 215 -1.68 23.55 -33.72
C ARG A 215 -0.57 23.02 -34.66
N THR A 216 -0.49 21.71 -34.80
CA THR A 216 0.56 21.12 -35.60
C THR A 216 0.18 20.69 -37.01
N ARG A 217 -1.09 20.43 -37.27
CA ARG A 217 -1.51 20.04 -38.62
C ARG A 217 -1.88 21.33 -39.36
N ARG A 218 -2.64 21.26 -40.46
CA ARG A 218 -3.02 22.51 -41.16
C ARG A 218 -4.42 22.42 -41.72
N ALA A 219 -5.05 23.57 -41.89
CA ALA A 219 -6.39 23.61 -42.45
C ALA A 219 -6.40 22.90 -43.82
N LEU A 227 -11.54 9.92 -43.58
CA LEU A 227 -12.23 10.08 -42.31
C LEU A 227 -10.81 10.46 -41.85
N ASP A 228 -10.64 11.16 -41.09
CA ASP A 228 -9.35 11.48 -40.51
C ASP A 228 -8.54 10.47 -39.80
N ARG A 229 -7.72 9.78 -40.59
CA ARG A 229 -6.85 8.76 -40.10
C ARG A 229 -5.97 9.28 -39.00
N GLU A 230 -5.43 10.49 -39.19
CA GLU A 230 -4.55 11.07 -38.18
C GLU A 230 -5.18 11.20 -36.80
N ARG A 231 -6.36 11.83 -36.76
CA ARG A 231 -7.08 12.08 -35.53
C ARG A 231 -7.43 10.82 -34.75
N ILE A 232 -7.77 9.75 -35.45
CA ILE A 232 -8.15 8.52 -34.77
C ILE A 232 -6.93 7.86 -34.19
N ASP A 233 -5.83 7.95 -34.91
CA ASP A 233 -4.61 7.37 -34.43
C ASP A 233 -4.17 8.11 -33.18
N LEU A 234 -4.23 9.42 -33.22
CA LEU A 234 -3.82 10.18 -32.08
C LEU A 234 -4.76 9.85 -30.91
N LEU A 235 -6.06 9.65 -31.18
CA LEU A 235 -6.96 9.30 -30.08
C LEU A 235 -6.49 7.96 -29.47
N TRP A 236 -6.28 6.91 -30.26
CA TRP A 236 -5.81 5.65 -29.69
C TRP A 236 -4.51 5.83 -28.92
N LYS A 237 -3.65 6.71 -29.42
CA LYS A 237 -2.40 6.99 -28.76
C LYS A 237 -2.63 7.51 -27.33
N ILE A 238 -3.56 8.44 -27.12
CA ILE A 238 -3.72 8.87 -25.72
C ILE A 238 -4.40 7.76 -24.90
N ALA A 239 -5.25 6.96 -25.54
CA ALA A 239 -5.88 5.87 -24.81
C ALA A 239 -4.79 4.89 -24.35
N ARG A 240 -3.85 4.55 -25.23
CA ARG A 240 -2.78 3.63 -24.86
C ARG A 240 -1.95 4.24 -23.77
N ALA A 241 -1.59 5.50 -23.95
CA ALA A 241 -0.76 6.16 -22.97
C ALA A 241 -1.46 6.32 -21.62
N GLY A 242 -2.77 6.56 -21.65
CA GLY A 242 -3.54 6.69 -20.43
C GLY A 242 -3.50 5.43 -19.55
N ALA A 243 -3.82 4.27 -20.13
CA ALA A 243 -3.81 3.00 -19.41
C ALA A 243 -2.41 2.66 -19.01
N ARG A 244 -1.45 2.95 -19.89
CA ARG A 244 -0.09 2.64 -19.55
C ARG A 244 0.37 3.46 -18.34
N SER A 245 -0.12 4.67 -18.20
CA SER A 245 0.27 5.45 -17.04
C SER A 245 -0.49 4.94 -15.78
N ALA A 246 -1.79 4.73 -15.95
CA ALA A 246 -2.67 4.25 -14.90
C ALA A 246 -2.15 3.00 -14.18
N VAL A 247 -1.60 2.11 -14.98
CA VAL A 247 -1.03 0.87 -14.52
C VAL A 247 0.49 1.03 -14.24
N GLY A 248 1.01 2.25 -14.40
CA GLY A 248 2.42 2.53 -14.17
C GLY A 248 3.39 1.50 -14.72
N THR A 249 3.17 1.08 -15.97
CA THR A 249 4.01 0.08 -16.64
C THR A 249 5.48 0.38 -16.54
N GLU A 250 5.86 1.60 -16.94
CA GLU A 250 7.26 2.00 -16.94
C GLU A 250 7.84 2.08 -15.54
N ALA A 251 7.13 2.76 -14.63
CA ALA A 251 7.60 2.94 -13.24
C ALA A 251 7.85 1.67 -12.42
N ARG A 252 7.08 0.62 -12.70
CA ARG A 252 7.26 -0.59 -11.96
C ARG A 252 8.46 -1.40 -12.39
N ARG A 253 9.20 -0.92 -13.39
CA ARG A 253 10.40 -1.65 -13.86
C ARG A 253 11.64 -1.45 -12.95
N GLN A 254 11.64 -0.36 -12.17
CA GLN A 254 12.72 0.03 -11.24
C GLN A 254 12.24 0.11 -9.74
N PHE A 255 13.17 0.38 -8.82
CA PHE A 255 12.77 0.58 -7.43
C PHE A 255 12.79 2.08 -7.30
N ARG A 256 12.05 2.59 -6.32
CA ARG A 256 12.06 4.01 -6.09
C ARG A 256 12.67 4.14 -4.71
N TYR A 257 13.27 5.29 -4.45
CA TYR A 257 13.91 5.52 -3.18
C TYR A 257 13.42 6.80 -2.60
N ASP A 258 13.31 6.83 -1.28
CA ASP A 258 12.89 8.01 -0.55
C ASP A 258 14.14 8.36 0.21
N GLY A 259 14.87 9.36 -0.27
CA GLY A 259 16.10 9.72 0.38
C GLY A 259 16.93 8.47 0.24
N ASP A 260 17.45 7.92 1.34
CA ASP A 260 18.22 6.69 1.27
C ASP A 260 17.37 5.46 1.63
N MET A 261 16.05 5.55 1.54
CA MET A 261 15.20 4.41 1.88
C MET A 261 14.56 3.78 0.67
N ASN A 262 14.81 2.50 0.43
CA ASN A 262 14.22 1.77 -0.70
C ASN A 262 12.71 1.70 -0.44
N ILE A 263 11.96 2.23 -1.39
CA ILE A 263 10.51 2.33 -1.31
C ILE A 263 9.77 1.20 -2.00
N GLY A 264 10.51 0.26 -2.57
CA GLY A 264 9.88 -0.84 -3.25
C GLY A 264 9.42 -0.39 -4.62
N VAL A 265 8.72 -1.26 -5.33
CA VAL A 265 8.20 -0.94 -6.65
C VAL A 265 6.90 -0.19 -6.40
N ILE A 266 6.78 0.98 -7.03
CA ILE A 266 5.62 1.86 -6.85
C ILE A 266 5.37 2.77 -8.07
N THR A 267 4.12 2.89 -8.53
CA THR A 267 3.81 3.72 -9.69
C THR A 267 3.85 5.18 -9.27
N ASP A 268 3.84 6.07 -10.25
CA ASP A 268 3.89 7.50 -9.99
C ASP A 268 2.71 7.91 -9.12
N PHE A 269 1.51 7.52 -9.54
CA PHE A 269 0.29 7.84 -8.82
C PHE A 269 0.34 7.24 -7.40
N GLU A 270 0.83 6.03 -7.28
CA GLU A 270 0.89 5.45 -5.96
C GLU A 270 1.86 6.24 -5.07
N LEU A 271 2.90 6.80 -5.67
CA LEU A 271 3.82 7.58 -4.89
C LEU A 271 3.06 8.84 -4.47
N GLU A 272 2.24 9.40 -5.34
CA GLU A 272 1.52 10.59 -4.92
C GLU A 272 0.68 10.30 -3.70
N VAL A 273 -0.11 9.24 -3.78
CA VAL A 273 -0.96 8.81 -2.69
C VAL A 273 -0.18 8.65 -1.40
N ARG A 274 0.97 7.99 -1.50
CA ARG A 274 1.79 7.77 -0.33
C ARG A 274 2.16 9.10 0.30
N ASN A 275 2.67 10.02 -0.52
CA ASN A 275 3.04 11.32 -0.02
C ASN A 275 1.85 12.06 0.55
N ALA A 276 0.72 12.01 -0.14
CA ALA A 276 -0.47 12.71 0.31
C ALA A 276 -0.89 12.15 1.66
N LEU A 277 -0.83 10.83 1.83
CA LEU A 277 -1.18 10.16 3.10
C LEU A 277 -0.21 10.58 4.22
N ASN A 278 1.08 10.33 4.04
CA ASN A 278 2.04 10.76 5.04
C ASN A 278 1.90 12.24 5.36
N ARG A 279 1.43 13.06 4.42
CA ARG A 279 1.30 14.47 4.76
C ARG A 279 0.22 14.64 5.82
N ARG A 280 -0.92 13.96 5.65
CA ARG A 280 -2.00 14.03 6.61
C ARG A 280 -1.55 13.41 7.90
N ALA A 281 -0.72 12.40 7.83
CA ALA A 281 -0.29 11.76 9.05
C ALA A 281 0.50 12.76 9.85
N HIS A 282 1.34 13.55 9.17
CA HIS A 282 2.17 14.50 9.88
C HIS A 282 1.31 15.58 10.46
N ALA A 283 0.30 16.00 9.73
CA ALA A 283 -0.54 17.09 10.23
C ALA A 283 -1.29 16.70 11.48
N VAL A 284 -1.37 15.41 11.76
CA VAL A 284 -2.12 14.97 12.90
C VAL A 284 -1.23 14.48 14.07
N GLY A 285 0.08 14.66 13.96
CA GLY A 285 0.97 14.25 15.01
C GLY A 285 1.77 13.00 14.67
N ALA A 286 1.41 12.34 13.58
CA ALA A 286 2.14 11.13 13.23
C ALA A 286 3.32 11.41 12.33
N GLN A 287 4.08 10.38 12.11
CA GLN A 287 5.21 10.46 11.23
C GLN A 287 4.82 9.61 10.03
N ASP A 288 5.76 9.42 9.09
CA ASP A 288 5.41 8.65 7.89
C ASP A 288 4.78 7.32 8.33
N VAL A 289 3.61 7.00 7.78
CA VAL A 289 2.97 5.75 8.12
C VAL A 289 2.96 4.74 6.98
N VAL A 290 3.06 5.23 5.74
CA VAL A 290 3.15 4.34 4.60
C VAL A 290 4.59 4.47 4.14
N GLN A 291 5.35 3.41 4.28
CA GLN A 291 6.77 3.44 3.96
C GLN A 291 7.22 2.81 2.65
N HIS A 292 6.28 2.20 1.91
CA HIS A 292 6.67 1.56 0.67
C HIS A 292 5.48 1.35 -0.21
N GLY A 293 5.71 0.64 -1.30
CA GLY A 293 4.66 0.40 -2.25
C GLY A 293 3.62 -0.59 -1.80
N THR A 294 2.70 -0.83 -2.71
CA THR A 294 1.58 -1.70 -2.56
C THR A 294 1.90 -3.20 -2.63
N GLU A 295 1.05 -3.99 -1.98
CA GLU A 295 1.13 -5.45 -1.97
C GLU A 295 1.01 -6.02 -3.42
N GLN A 296 0.35 -5.28 -4.32
CA GLN A 296 0.25 -5.76 -5.71
C GLN A 296 1.63 -5.82 -6.41
N ASN A 297 2.65 -5.29 -5.76
CA ASN A 297 4.02 -5.36 -6.24
C ASN A 297 4.95 -6.02 -5.25
N ASN A 298 4.41 -6.78 -4.30
CA ASN A 298 5.26 -7.45 -3.31
C ASN A 298 5.65 -8.84 -3.83
N PRO A 299 6.96 -9.12 -3.96
CA PRO A 299 7.38 -10.45 -4.43
C PRO A 299 7.03 -11.58 -3.43
N PHE A 300 6.96 -11.23 -2.15
CA PHE A 300 6.62 -12.18 -1.09
C PHE A 300 5.16 -11.86 -0.78
N PRO A 301 4.22 -12.22 -1.68
CA PRO A 301 2.80 -11.93 -1.50
C PRO A 301 2.30 -12.66 -0.29
N GLU A 302 1.74 -11.90 0.63
CA GLU A 302 1.23 -12.51 1.85
C GLU A 302 -0.25 -12.72 1.65
N ALA A 303 -0.79 -13.78 2.23
CA ALA A 303 -2.22 -14.06 2.09
C ALA A 303 -3.05 -13.96 3.39
N ASP A 304 -3.29 -12.73 3.83
CA ASP A 304 -4.15 -12.53 4.99
C ASP A 304 -5.49 -12.68 4.29
N GLU A 305 -6.58 -12.84 5.03
CA GLU A 305 -7.88 -13.05 4.40
C GLU A 305 -8.89 -11.97 4.65
N LYS A 306 -8.50 -10.93 5.39
CA LYS A 306 -9.42 -9.82 5.58
C LYS A 306 -8.69 -8.58 5.09
N ILE A 307 -9.37 -7.73 4.33
CA ILE A 307 -8.77 -6.50 3.82
C ILE A 307 -9.64 -5.30 4.16
N PHE A 308 -9.05 -4.24 4.72
CA PHE A 308 -9.79 -3.03 5.03
C PHE A 308 -9.86 -2.11 3.81
N VAL A 309 -11.05 -1.77 3.38
CA VAL A 309 -11.23 -0.93 2.21
C VAL A 309 -11.85 0.47 2.38
N VAL A 310 -11.18 1.47 1.84
CA VAL A 310 -11.66 2.85 1.86
C VAL A 310 -11.92 3.27 0.41
N SER A 311 -13.18 3.47 0.04
CA SER A 311 -13.52 3.83 -1.31
C SER A 311 -13.24 5.29 -1.62
N ALA A 312 -13.35 5.64 -2.90
CA ALA A 312 -13.10 7.00 -3.32
C ALA A 312 -14.14 7.94 -2.80
N THR A 313 -15.27 7.38 -2.37
CA THR A 313 -16.35 8.19 -1.82
C THR A 313 -16.20 8.40 -0.31
N GLY A 314 -15.24 7.75 0.31
CA GLY A 314 -15.09 7.91 1.76
C GLY A 314 -15.61 6.74 2.60
N GLU A 315 -16.41 5.88 1.97
CA GLU A 315 -16.99 4.70 2.62
C GLU A 315 -15.98 3.58 2.91
N SER A 316 -15.98 3.08 4.15
CA SER A 316 -15.08 2.01 4.64
C SER A 316 -15.76 0.68 4.97
N GLN A 317 -15.00 -0.42 4.83
CA GLN A 317 -15.53 -1.76 5.08
C GLN A 317 -14.46 -2.85 5.09
N MET A 318 -14.81 -4.05 5.54
CA MET A 318 -13.85 -5.14 5.55
C MET A 318 -14.28 -6.12 4.45
N LEU A 319 -13.33 -6.83 3.86
CA LEU A 319 -13.66 -7.74 2.78
C LEU A 319 -12.88 -9.01 2.75
N THR A 320 -13.61 -10.10 2.52
CA THR A 320 -13.06 -11.44 2.38
C THR A 320 -12.52 -11.43 0.95
N ARG A 321 -11.64 -12.34 0.61
CA ARG A 321 -11.08 -12.38 -0.76
C ARG A 321 -12.19 -12.42 -1.76
N GLY A 322 -13.29 -13.10 -1.42
CA GLY A 322 -14.39 -13.21 -2.34
C GLY A 322 -15.16 -11.92 -2.50
N GLN A 323 -15.42 -11.23 -1.40
CA GLN A 323 -16.18 -10.01 -1.56
C GLN A 323 -15.29 -8.99 -2.25
N LEU A 324 -13.97 -9.22 -2.12
CA LEU A 324 -12.94 -8.39 -2.71
C LEU A 324 -12.93 -8.49 -4.26
N LYS A 325 -13.19 -9.69 -4.80
CA LYS A 325 -13.25 -9.89 -6.26
C LYS A 325 -14.43 -9.09 -6.80
N GLU A 326 -15.60 -9.35 -6.24
CA GLU A 326 -16.77 -8.63 -6.72
C GLU A 326 -16.63 -7.13 -6.50
N TYR A 327 -16.01 -6.74 -5.40
CA TYR A 327 -15.84 -5.31 -5.15
C TYR A 327 -15.03 -4.67 -6.27
N ILE A 328 -13.87 -5.28 -6.54
CA ILE A 328 -12.98 -4.84 -7.57
C ILE A 328 -13.71 -4.79 -8.91
N GLY A 329 -14.50 -5.83 -9.20
CA GLY A 329 -15.29 -5.89 -10.43
C GLY A 329 -16.31 -4.76 -10.52
N GLN A 330 -16.96 -4.48 -9.42
CA GLN A 330 -17.94 -3.41 -9.33
C GLN A 330 -17.17 -2.11 -9.55
N GLN A 331 -16.08 -1.95 -8.82
CA GLN A 331 -15.31 -0.74 -8.95
C GLN A 331 -14.78 -0.49 -10.39
N ARG A 332 -14.26 -1.52 -11.03
CA ARG A 332 -13.77 -1.38 -12.39
C ARG A 332 -14.88 -0.88 -13.31
N GLY A 333 -16.11 -1.34 -13.06
CA GLY A 333 -17.24 -0.93 -13.86
C GLY A 333 -17.44 0.57 -13.79
N GLU A 334 -17.02 1.15 -12.67
CA GLU A 334 -17.13 2.60 -12.45
C GLU A 334 -15.87 3.38 -12.89
N GLY A 335 -14.98 2.70 -13.62
CA GLY A 335 -13.79 3.34 -14.14
C GLY A 335 -12.54 3.38 -13.31
N TYR A 336 -12.55 2.67 -12.20
CA TYR A 336 -11.39 2.62 -11.33
C TYR A 336 -10.51 1.50 -11.85
N VAL A 337 -9.25 1.80 -12.04
CA VAL A 337 -8.28 0.86 -12.58
C VAL A 337 -7.67 -0.03 -11.51
N PHE A 338 -7.42 -1.30 -11.87
CA PHE A 338 -6.79 -2.22 -10.95
C PHE A 338 -5.92 -3.24 -11.65
N TYR A 339 -4.75 -3.46 -11.11
CA TYR A 339 -3.88 -4.49 -11.65
C TYR A 339 -3.46 -5.34 -10.45
N GLU A 340 -3.25 -6.64 -10.68
CA GLU A 340 -2.90 -7.53 -9.60
C GLU A 340 -1.47 -7.99 -9.49
N ASN A 341 -1.07 -8.32 -8.28
CA ASN A 341 0.26 -8.83 -8.03
C ASN A 341 0.47 -9.89 -9.09
N ARG A 342 1.56 -9.76 -9.83
CA ARG A 342 1.86 -10.66 -10.93
C ARG A 342 1.93 -12.16 -10.62
N ALA A 343 2.18 -12.52 -9.37
CA ALA A 343 2.25 -13.95 -9.02
C ALA A 343 0.94 -14.61 -8.57
N TYR A 344 -0.16 -13.86 -8.58
CA TYR A 344 -1.44 -14.39 -8.13
C TYR A 344 -1.98 -15.48 -9.06
N GLY A 345 -1.78 -15.31 -10.37
CA GLY A 345 -2.29 -16.28 -11.35
C GLY A 345 -1.71 -17.68 -11.28
N VAL A 346 -0.38 -17.76 -11.41
CA VAL A 346 0.38 -18.98 -11.34
C VAL A 346 0.13 -19.80 -10.07
N ALA A 347 -0.58 -19.23 -9.09
CA ALA A 347 -0.86 -19.93 -7.84
C ALA A 347 -2.36 -20.16 -7.78
N GLY A 348 -3.07 -19.73 -8.81
CA GLY A 348 -4.51 -19.94 -8.84
C GLY A 348 -5.26 -19.05 -7.89
N LYS A 349 -4.74 -17.84 -7.66
CA LYS A 349 -5.39 -16.87 -6.79
C LYS A 349 -5.62 -15.48 -7.45
N SER A 350 -5.87 -15.44 -8.76
CA SER A 350 -6.12 -14.18 -9.47
C SER A 350 -7.50 -13.65 -9.13
N LEU A 351 -7.62 -12.33 -8.97
CA LEU A 351 -8.89 -11.69 -8.65
C LEU A 351 -9.66 -11.38 -9.95
N PHE A 352 -9.09 -11.75 -11.08
CA PHE A 352 -9.70 -11.53 -12.39
C PHE A 352 -10.38 -12.80 -12.93
N ASP A 353 -11.54 -12.63 -13.53
CA ASP A 353 -12.28 -13.76 -14.07
C ASP A 353 -12.31 -13.69 -15.62
N ASP A 354 -11.26 -13.11 -16.20
CA ASP A 354 -11.21 -12.96 -17.64
C ASP A 354 -10.38 -14.10 -18.31
N GLY A 355 -10.03 -13.96 -19.57
CA GLY A 355 -9.24 -15.01 -20.20
C GLY A 355 -7.92 -15.11 -19.46
N LEU A 356 -7.49 -13.98 -18.91
CA LEU A 356 -6.26 -13.86 -18.13
C LEU A 356 -5.01 -14.09 -18.99
N GLY A 357 -5.19 -14.23 -20.29
CA GLY A 357 -4.04 -14.47 -21.16
C GLY A 357 -4.06 -13.99 -22.61
N ALA A 358 -3.06 -14.44 -23.39
CA ALA A 358 -2.86 -14.08 -24.82
C ALA A 358 -3.13 -15.22 -25.85
N THR B 1 7.97 -1.45 -26.61
CA THR B 1 7.93 -2.95 -26.66
C THR B 1 7.71 -3.56 -25.27
N ASP B 2 6.52 -3.32 -24.70
CA ASP B 2 6.19 -3.86 -23.39
C ASP B 2 6.11 -5.40 -23.52
N SER B 3 6.16 -6.09 -22.38
CA SER B 3 6.03 -7.55 -22.34
C SER B 3 4.57 -7.95 -22.35
N GLU B 4 4.31 -9.22 -22.63
CA GLU B 4 2.93 -9.72 -22.65
C GLU B 4 2.14 -9.49 -21.33
N GLU B 5 2.81 -9.58 -20.19
CA GLU B 5 2.08 -9.38 -18.94
C GLU B 5 1.91 -7.90 -18.79
N GLU B 6 2.80 -7.14 -19.40
CA GLU B 6 2.67 -5.69 -19.32
C GLU B 6 1.48 -5.24 -20.15
N ILE B 7 1.38 -5.72 -21.37
CA ILE B 7 0.26 -5.36 -22.22
C ILE B 7 -1.11 -5.89 -21.70
N ARG B 8 -1.15 -6.96 -20.93
CA ARG B 8 -2.46 -7.41 -20.43
C ARG B 8 -3.02 -6.52 -19.31
N GLU B 9 -2.14 -6.01 -18.46
CA GLU B 9 -2.56 -5.12 -17.36
C GLU B 9 -3.21 -3.88 -17.98
N ALA B 10 -2.58 -3.35 -19.04
CA ALA B 10 -3.10 -2.18 -19.74
C ALA B 10 -4.41 -2.52 -20.39
N PHE B 11 -4.48 -3.71 -20.98
CA PHE B 11 -5.68 -4.17 -21.67
C PHE B 11 -6.85 -4.18 -20.72
N ARG B 12 -6.62 -4.65 -19.50
CA ARG B 12 -7.67 -4.68 -18.47
C ARG B 12 -8.23 -3.30 -18.14
N VAL B 13 -7.44 -2.26 -18.30
CA VAL B 13 -7.93 -0.90 -18.09
C VAL B 13 -9.09 -0.61 -19.05
N PHE B 14 -8.93 -1.01 -20.33
CA PHE B 14 -9.96 -0.83 -21.36
C PHE B 14 -11.14 -1.78 -21.18
N ASP B 15 -10.82 -3.04 -20.88
CA ASP B 15 -11.85 -4.07 -20.68
C ASP B 15 -12.49 -4.00 -19.29
N LYS B 16 -13.22 -2.92 -19.03
CA LYS B 16 -13.92 -2.67 -17.76
C LYS B 16 -14.75 -3.87 -17.29
N ASP B 17 -15.66 -4.31 -18.15
CA ASP B 17 -16.54 -5.41 -17.85
C ASP B 17 -15.79 -6.75 -17.73
N GLY B 18 -16.51 -7.82 -17.48
CA GLY B 18 -15.81 -9.09 -17.36
C GLY B 18 -14.94 -9.62 -18.49
N ASN B 19 -15.58 -9.86 -19.64
CA ASN B 19 -15.07 -10.45 -20.90
C ASN B 19 -13.80 -9.90 -21.47
N GLY B 20 -13.03 -10.75 -22.13
CA GLY B 20 -11.77 -10.27 -22.70
C GLY B 20 -11.87 -9.57 -24.06
N TYR B 21 -12.74 -8.58 -24.16
CA TYR B 21 -12.91 -7.81 -25.40
C TYR B 21 -13.22 -6.37 -25.03
N ILE B 22 -12.91 -5.42 -25.91
CA ILE B 22 -13.15 -4.02 -25.66
C ILE B 22 -14.31 -3.67 -26.57
N SER B 23 -15.38 -3.14 -26.01
CA SER B 23 -16.55 -2.81 -26.79
C SER B 23 -16.50 -1.32 -27.07
N ALA B 24 -17.44 -0.81 -27.84
CA ALA B 24 -17.44 0.62 -28.15
C ALA B 24 -17.74 1.43 -26.91
N ALA B 25 -18.63 0.90 -26.06
CA ALA B 25 -19.05 1.59 -24.86
C ALA B 25 -17.92 1.70 -23.86
N GLU B 26 -17.13 0.66 -23.73
CA GLU B 26 -16.01 0.70 -22.80
C GLU B 26 -14.97 1.69 -23.32
N LEU B 27 -14.82 1.77 -24.63
CA LEU B 27 -13.86 2.69 -25.25
C LEU B 27 -14.30 4.14 -25.10
N ARG B 28 -15.60 4.41 -25.19
CA ARG B 28 -16.13 5.77 -25.04
C ARG B 28 -15.86 6.25 -23.62
N HIS B 29 -15.95 5.34 -22.66
CA HIS B 29 -15.70 5.65 -21.24
C HIS B 29 -14.22 5.96 -21.01
N VAL B 30 -13.34 5.18 -21.61
CA VAL B 30 -11.93 5.42 -21.45
C VAL B 30 -11.57 6.79 -22.05
N MET B 31 -12.06 7.06 -23.25
CA MET B 31 -11.79 8.32 -23.92
C MET B 31 -12.32 9.52 -23.15
N THR B 32 -13.52 9.43 -22.60
CA THR B 32 -14.07 10.54 -21.85
C THR B 32 -13.22 10.78 -20.59
N ASN B 33 -12.80 9.71 -19.94
CA ASN B 33 -11.99 9.78 -18.75
C ASN B 33 -10.62 10.39 -19.04
N LEU B 34 -10.08 10.10 -20.22
CA LEU B 34 -8.79 10.63 -20.60
C LEU B 34 -8.89 11.96 -21.36
N GLY B 35 -9.95 12.73 -21.11
CA GLY B 35 -10.07 14.03 -21.71
C GLY B 35 -10.57 14.25 -23.12
N GLU B 36 -11.12 13.21 -23.73
CA GLU B 36 -11.64 13.34 -25.06
C GLU B 36 -13.11 12.96 -25.17
N LYS B 37 -13.97 13.95 -25.37
CA LYS B 37 -15.39 13.73 -25.56
C LYS B 37 -15.59 13.38 -27.04
N LEU B 38 -16.14 12.21 -27.33
CA LEU B 38 -16.34 11.74 -28.69
C LEU B 38 -17.75 11.28 -28.98
N THR B 39 -18.17 11.31 -30.25
CA THR B 39 -19.52 10.90 -30.65
C THR B 39 -19.57 9.40 -30.86
N ASP B 40 -20.78 8.85 -31.01
CA ASP B 40 -20.94 7.39 -31.21
C ASP B 40 -20.16 7.06 -32.49
N GLU B 41 -20.21 7.96 -33.46
CA GLU B 41 -19.53 7.78 -34.71
C GLU B 41 -18.01 7.80 -34.55
N GLU B 42 -17.46 8.68 -33.73
CA GLU B 42 -16.01 8.71 -33.53
C GLU B 42 -15.56 7.45 -32.84
N VAL B 43 -16.33 7.02 -31.85
CA VAL B 43 -16.02 5.80 -31.14
C VAL B 43 -16.06 4.61 -32.09
N ASP B 44 -17.05 4.56 -32.96
CA ASP B 44 -17.15 3.48 -33.91
C ASP B 44 -15.89 3.54 -34.80
N GLU B 45 -15.49 4.74 -35.20
CA GLU B 45 -14.29 4.87 -36.03
C GLU B 45 -13.05 4.28 -35.32
N MET B 46 -12.88 4.58 -34.03
CA MET B 46 -11.72 4.01 -33.35
C MET B 46 -11.81 2.46 -33.26
N ILE B 47 -12.99 1.92 -32.96
CA ILE B 47 -13.11 0.47 -32.87
C ILE B 47 -12.89 -0.15 -34.24
N ARG B 48 -13.47 0.44 -35.29
CA ARG B 48 -13.26 -0.11 -36.64
C ARG B 48 -11.76 -0.15 -36.96
N GLU B 49 -11.11 0.97 -36.72
CA GLU B 49 -9.69 1.11 -36.99
C GLU B 49 -8.83 0.00 -36.37
N ALA B 50 -9.18 -0.46 -35.19
CA ALA B 50 -8.45 -1.55 -34.54
C ALA B 50 -9.06 -2.95 -34.77
N ASP B 51 -10.33 -3.00 -35.18
CA ASP B 51 -11.03 -4.29 -35.40
C ASP B 51 -10.63 -5.11 -36.64
N ILE B 52 -9.48 -5.76 -36.56
CA ILE B 52 -8.96 -6.58 -37.63
C ILE B 52 -9.93 -7.63 -38.23
N ASP B 53 -10.52 -8.46 -37.37
CA ASP B 53 -11.45 -9.50 -37.79
C ASP B 53 -12.87 -9.06 -38.10
N GLY B 54 -13.18 -7.81 -37.79
CA GLY B 54 -14.50 -7.26 -38.08
C GLY B 54 -15.68 -7.65 -37.19
N ASP B 55 -15.44 -8.18 -35.99
CA ASP B 55 -16.54 -8.59 -35.11
C ASP B 55 -17.20 -7.48 -34.28
N GLY B 56 -16.86 -6.22 -34.52
CA GLY B 56 -17.46 -5.13 -33.77
C GLY B 56 -16.76 -4.78 -32.47
N GLN B 57 -15.75 -5.57 -32.09
CA GLN B 57 -14.99 -5.35 -30.85
C GLN B 57 -13.50 -5.62 -30.99
N VAL B 58 -12.72 -5.14 -30.03
CA VAL B 58 -11.26 -5.33 -30.04
C VAL B 58 -10.84 -6.39 -29.02
N ASN B 59 -10.33 -7.52 -29.50
CA ASN B 59 -9.88 -8.57 -28.60
C ASN B 59 -8.41 -8.35 -28.18
N TYR B 60 -7.88 -9.29 -27.43
CA TYR B 60 -6.52 -9.18 -26.96
C TYR B 60 -5.46 -9.16 -28.06
N GLU B 61 -5.56 -10.07 -29.03
CA GLU B 61 -4.55 -10.10 -30.09
C GLU B 61 -4.60 -8.81 -30.90
N GLU B 62 -5.81 -8.32 -31.18
CA GLU B 62 -5.93 -7.10 -31.93
C GLU B 62 -5.34 -5.93 -31.15
N PHE B 63 -5.37 -6.00 -29.82
CA PHE B 63 -4.85 -4.93 -28.97
C PHE B 63 -3.32 -4.88 -29.07
N VAL B 64 -2.75 -6.04 -28.88
CA VAL B 64 -1.33 -6.30 -28.95
C VAL B 64 -0.79 -5.67 -30.20
N GLN B 65 -1.48 -5.86 -31.33
CA GLN B 65 -1.05 -5.24 -32.58
C GLN B 65 -0.57 -3.78 -32.78
N MET B 66 -1.51 -2.84 -32.86
CA MET B 66 -1.27 -1.38 -33.02
C MET B 66 -0.78 -0.54 -31.86
N MET B 67 -0.91 -1.06 -30.64
CA MET B 67 -0.47 -0.33 -29.45
C MET B 67 1.06 -0.18 -29.59
N THR B 68 1.52 -0.43 -30.84
CA THR B 68 2.93 -0.35 -31.28
C THR B 68 3.27 1.14 -31.28
N ALA B 69 2.52 1.91 -32.06
CA ALA B 69 2.69 3.35 -32.15
C ALA B 69 1.40 4.01 -32.67
#